data_3MN5
#
_entry.id   3MN5
#
_cell.length_a   52.960
_cell.length_b   71.810
_cell.length_c   100.720
_cell.angle_alpha   90.00
_cell.angle_beta   90.00
_cell.angle_gamma   90.00
#
_symmetry.space_group_name_H-M   'P 21 21 21'
#
loop_
_entity.id
_entity.type
_entity.pdbx_description
1 polymer 'Actin, alpha skeletal muscle'
2 polymer 'Protein spire'
3 non-polymer 'CALCIUM ION'
4 non-polymer "ADENOSINE-5'-TRIPHOSPHATE"
5 non-polymer 'LATRUNCULIN B'
6 water water
#
loop_
_entity_poly.entity_id
_entity_poly.type
_entity_poly.pdbx_seq_one_letter_code
_entity_poly.pdbx_strand_id
1 'polypeptide(L)'
;DEDETTALVCDNGSGLVKAGFAGDDAPRAVFPSIVGRVGDEAQSKRGILTLKYPIEHGIITNWDDMEKIWHHTFYNELRV
APEEHPTLLTEAPLNPKANREKMTQIMFETFNVPAMYVAIQAVLSLYASGRTTGIVLDSGDGVTHNVPIYEGYALPHAIM
RLDLAGRDLTDYLMKILTERGYSFVTTAEREIVRDIKEKLCYVALDFENEMATAASSSSLEKSYELPDGQVITIGNERFR
CPETLFQPSFIGMESAGIHETTYNSIMKCDIDIRKDLYANNVMSGGTTMYPGIADRMQKEITALAPSTMKIKIIAPPERK
YSVWIGGSILASLSTFQQMWITKQEYDEAGPSIVHRKCF
;
A
2 'polypeptide(L)' ASDRQLGPPRMCEPSPREQLMESIRKGKELKQITPPEA S
#
loop_
_chem_comp.id
_chem_comp.type
_chem_comp.name
_chem_comp.formula
ATP non-polymer ADENOSINE-5'-TRIPHOSPHATE 'C10 H16 N5 O13 P3'
CA non-polymer 'CALCIUM ION' 'Ca 2'
LAB non-polymer 'LATRUNCULIN B' 'C20 H29 N O5 S'
#
# COMPACT_ATOMS: atom_id res chain seq x y z
N THR A 5 -3.89 24.14 12.23
CA THR A 5 -3.45 23.48 13.50
C THR A 5 -3.52 21.93 13.44
N THR A 6 -4.55 21.36 12.83
CA THR A 6 -4.48 19.90 12.67
C THR A 6 -3.90 19.63 11.28
N ALA A 7 -2.91 18.75 11.22
CA ALA A 7 -2.44 18.32 9.88
C ALA A 7 -3.38 17.30 9.26
N LEU A 8 -3.39 17.34 7.94
CA LEU A 8 -4.18 16.38 7.15
C LEU A 8 -3.18 15.29 6.65
N VAL A 9 -3.69 14.06 6.55
CA VAL A 9 -2.85 12.97 5.93
C VAL A 9 -3.69 12.34 4.80
N CYS A 10 -3.13 12.33 3.58
CA CYS A 10 -3.82 11.72 2.48
C CYS A 10 -2.94 10.68 1.82
N ASP A 11 -3.38 9.41 1.84
CA ASP A 11 -2.64 8.35 1.15
C ASP A 11 -3.41 8.04 -0.12
N ASN A 12 -2.81 8.47 -1.24
CA ASN A 12 -3.53 8.29 -2.47
C ASN A 12 -3.17 7.02 -3.20
N GLY A 13 -4.04 6.05 -2.98
CA GLY A 13 -3.85 4.71 -3.53
C GLY A 13 -4.25 4.60 -4.97
N SER A 14 -3.74 3.57 -5.66
CA SER A 14 -4.33 3.25 -6.97
C SER A 14 -5.78 2.87 -6.98
N GLY A 15 -6.24 2.26 -5.84
CA GLY A 15 -7.64 1.86 -5.76
C GLY A 15 -8.45 2.75 -4.78
N LEU A 16 -7.87 2.95 -3.59
CA LEU A 16 -8.59 3.71 -2.52
C LEU A 16 -7.75 4.86 -2.05
N VAL A 17 -8.43 5.99 -1.86
CA VAL A 17 -7.90 7.08 -1.10
C VAL A 17 -8.20 6.81 0.37
N LYS A 18 -7.18 6.95 1.18
CA LYS A 18 -7.37 6.89 2.65
C LYS A 18 -6.99 8.30 3.12
N ALA A 19 -7.89 9.01 3.83
CA ALA A 19 -7.55 10.37 4.21
C ALA A 19 -8.10 10.67 5.59
N GLY A 20 -7.51 11.59 6.26
CA GLY A 20 -7.98 11.96 7.62
C GLY A 20 -7.03 12.95 8.28
N PHE A 21 -7.03 12.97 9.63
CA PHE A 21 -6.37 13.95 10.42
C PHE A 21 -5.18 13.34 11.18
N ALA A 22 -4.04 13.99 11.09
CA ALA A 22 -2.86 13.48 11.85
C ALA A 22 -3.19 13.44 13.31
N GLY A 23 -2.78 12.33 13.91
CA GLY A 23 -3.05 12.09 15.35
C GLY A 23 -4.19 11.14 15.53
N ASP A 24 -5.00 10.84 14.53
CA ASP A 24 -6.11 9.94 14.65
C ASP A 24 -5.60 8.51 14.36
N ASP A 25 -6.35 7.51 14.90
CA ASP A 25 -5.90 6.17 14.70
C ASP A 25 -6.23 5.51 13.40
N ALA A 26 -7.03 6.19 12.55
CA ALA A 26 -7.58 5.56 11.37
C ALA A 26 -8.07 6.65 10.47
N PRO A 27 -8.07 6.42 9.16
CA PRO A 27 -8.57 7.47 8.24
C PRO A 27 -10.08 7.61 8.41
N ARG A 28 -10.48 8.86 8.53
CA ARG A 28 -11.92 9.15 8.49
C ARG A 28 -12.63 8.96 7.13
N ALA A 29 -11.89 9.06 6.04
CA ALA A 29 -12.42 8.94 4.71
C ALA A 29 -11.67 7.87 3.97
N VAL A 30 -12.41 6.87 3.49
CA VAL A 30 -11.84 5.79 2.62
C VAL A 30 -12.81 5.66 1.42
N PHE A 31 -12.34 6.03 0.22
CA PHE A 31 -13.25 6.10 -0.93
C PHE A 31 -12.51 5.77 -2.21
N PRO A 32 -13.20 5.32 -3.27
CA PRO A 32 -12.47 4.80 -4.44
C PRO A 32 -11.82 5.94 -5.23
N SER A 33 -10.58 5.71 -5.64
CA SER A 33 -9.79 6.69 -6.43
C SER A 33 -10.21 6.63 -7.91
N ILE A 34 -11.36 7.21 -8.18
CA ILE A 34 -12.00 7.14 -9.49
C ILE A 34 -12.74 8.42 -9.78
N VAL A 35 -12.81 8.71 -11.11
CA VAL A 35 -13.75 9.70 -11.62
C VAL A 35 -14.55 9.03 -12.76
N GLY A 36 -15.89 9.08 -12.64
CA GLY A 36 -16.94 9.29 -13.71
C GLY A 36 -17.53 10.67 -13.32
N ARG A 37 -18.30 10.72 -12.19
CA ARG A 37 -18.27 11.84 -11.16
C ARG A 37 -17.21 11.34 -10.15
N VAL A 38 -17.09 11.86 -8.93
CA VAL A 38 -15.85 11.60 -8.16
C VAL A 38 -16.04 10.70 -6.95
N GLY A 39 -15.16 9.71 -6.79
CA GLY A 39 -15.22 8.90 -5.55
C GLY A 39 -16.51 8.13 -5.33
N ASP A 40 -17.01 8.12 -4.10
CA ASP A 40 -18.28 7.47 -3.76
C ASP A 40 -19.39 7.88 -4.74
N GLU A 41 -19.28 9.05 -5.36
CA GLU A 41 -20.39 9.54 -6.19
C GLU A 41 -20.37 8.91 -7.60
N ARG A 46 -19.92 10.34 -16.94
CA ARG A 46 -18.80 9.88 -17.77
C ARG A 46 -18.91 8.35 -17.99
N THR A 50 -18.34 5.28 -17.84
CA THR A 50 -16.95 4.75 -17.74
C THR A 50 -16.65 5.06 -16.26
N LEU A 51 -15.81 4.27 -15.61
CA LEU A 51 -14.70 4.75 -14.77
C LEU A 51 -13.26 4.95 -15.13
N LYS A 52 -12.67 6.01 -14.58
CA LYS A 52 -11.25 6.26 -14.79
C LYS A 52 -10.55 6.30 -13.43
N TYR A 53 -9.41 5.68 -13.38
CA TYR A 53 -8.55 5.65 -12.18
C TYR A 53 -7.35 6.50 -12.51
N PRO A 54 -7.22 7.65 -11.84
CA PRO A 54 -6.12 8.59 -12.15
C PRO A 54 -4.74 8.19 -11.65
N ILE A 55 -4.68 7.15 -10.76
CA ILE A 55 -3.47 6.61 -10.30
C ILE A 55 -3.52 5.20 -10.84
N GLU A 56 -2.50 4.92 -11.63
CA GLU A 56 -2.24 3.68 -12.24
C GLU A 56 -0.93 3.17 -11.68
N HIS A 57 -1.10 1.96 -11.09
CA HIS A 57 0.05 1.30 -10.52
C HIS A 57 0.86 2.16 -9.57
N GLY A 58 0.14 3.07 -8.89
CA GLY A 58 0.71 3.87 -7.80
C GLY A 58 1.23 5.21 -8.27
N ILE A 59 1.33 5.43 -9.58
CA ILE A 59 1.89 6.65 -10.14
C ILE A 59 0.71 7.46 -10.69
N ILE A 60 0.69 8.75 -10.36
CA ILE A 60 -0.34 9.65 -10.92
C ILE A 60 -0.16 9.84 -12.46
N THR A 61 -1.22 9.49 -13.14
CA THR A 61 -1.24 9.54 -14.65
C THR A 61 -2.28 10.50 -15.22
N ASN A 62 -3.22 10.93 -14.43
CA ASN A 62 -4.19 11.92 -14.89
C ASN A 62 -4.30 12.95 -13.80
N TRP A 63 -3.64 14.07 -14.06
CA TRP A 63 -3.49 15.19 -13.13
C TRP A 63 -4.72 15.99 -12.94
N ASP A 64 -5.55 16.13 -13.99
CA ASP A 64 -6.78 16.85 -13.78
C ASP A 64 -7.75 16.06 -12.93
N ASP A 65 -7.80 14.75 -13.16
CA ASP A 65 -8.72 13.94 -12.39
C ASP A 65 -8.17 13.77 -10.95
N MET A 66 -6.85 13.70 -10.82
CA MET A 66 -6.19 13.67 -9.48
C MET A 66 -6.61 14.94 -8.77
N GLU A 67 -6.59 16.10 -9.44
CA GLU A 67 -7.05 17.30 -8.73
C GLU A 67 -8.51 17.21 -8.27
N LYS A 68 -9.38 16.61 -9.08
CA LYS A 68 -10.77 16.42 -8.67
C LYS A 68 -10.86 15.48 -7.43
N ILE A 69 -10.01 14.43 -7.43
CA ILE A 69 -10.00 13.56 -6.26
C ILE A 69 -9.52 14.35 -5.00
N TRP A 70 -8.45 15.15 -5.13
CA TRP A 70 -7.97 15.97 -3.94
C TRP A 70 -9.07 16.96 -3.52
N HIS A 71 -9.69 17.63 -4.50
CA HIS A 71 -10.77 18.52 -4.07
C HIS A 71 -11.94 17.81 -3.34
N HIS A 72 -12.32 16.66 -3.84
CA HIS A 72 -13.34 15.84 -3.21
C HIS A 72 -12.88 15.41 -1.81
N THR A 73 -11.61 15.04 -1.66
CA THR A 73 -11.13 14.67 -0.35
C THR A 73 -11.31 15.82 0.68
N PHE A 74 -10.88 17.03 0.30
CA PHE A 74 -10.86 18.17 1.24
C PHE A 74 -12.27 18.63 1.50
N TYR A 75 -13.03 18.86 0.43
CA TYR A 75 -14.34 19.55 0.62
C TYR A 75 -15.42 18.52 0.94
N ASN A 76 -15.57 17.48 0.21
CA ASN A 76 -16.69 16.58 0.44
C ASN A 76 -16.46 15.63 1.59
N GLU A 77 -15.24 15.10 1.69
CA GLU A 77 -15.00 13.97 2.59
C GLU A 77 -14.57 14.45 3.95
N LEU A 78 -13.51 15.23 4.04
CA LEU A 78 -13.00 15.74 5.28
C LEU A 78 -13.71 16.99 5.82
N ARG A 79 -14.37 17.68 4.91
CA ARG A 79 -14.98 18.99 5.24
C ARG A 79 -14.00 19.98 5.88
N VAL A 80 -12.91 20.26 5.12
CA VAL A 80 -11.89 21.18 5.53
C VAL A 80 -11.56 22.12 4.38
N ALA A 81 -10.89 23.20 4.68
CA ALA A 81 -10.32 24.06 3.66
C ALA A 81 -8.85 23.74 3.71
N PRO A 82 -8.28 23.32 2.55
CA PRO A 82 -6.87 22.92 2.59
C PRO A 82 -5.92 24.05 2.89
N GLU A 83 -6.34 25.33 2.67
CA GLU A 83 -5.49 26.41 3.09
C GLU A 83 -5.33 26.60 4.61
N GLU A 84 -6.10 25.85 5.40
CA GLU A 84 -6.04 25.88 6.84
C GLU A 84 -5.17 24.79 7.52
N HIS A 85 -4.54 23.90 6.72
CA HIS A 85 -3.93 22.74 7.35
C HIS A 85 -2.64 22.37 6.61
N PRO A 86 -1.55 22.08 7.37
CA PRO A 86 -0.45 21.32 6.78
C PRO A 86 -0.99 20.01 6.23
N THR A 87 -0.52 19.63 5.03
CA THR A 87 -0.99 18.42 4.36
C THR A 87 0.13 17.47 3.97
N LEU A 88 0.12 16.27 4.60
CA LEU A 88 1.08 15.22 4.24
C LEU A 88 0.41 14.32 3.20
N LEU A 89 1.08 14.12 2.07
CA LEU A 89 0.61 13.21 1.06
C LEU A 89 1.59 12.07 0.96
N THR A 90 1.07 10.98 0.38
CA THR A 90 2.00 9.86 0.17
C THR A 90 2.31 9.69 -1.35
N GLU A 91 3.37 8.92 -1.60
CA GLU A 91 3.79 8.60 -2.96
C GLU A 91 4.34 7.22 -3.02
N ALA A 92 4.30 6.66 -4.22
CA ALA A 92 4.90 5.36 -4.41
C ALA A 92 6.42 5.45 -4.31
N PRO A 93 7.06 4.37 -3.81
CA PRO A 93 8.50 4.22 -4.07
C PRO A 93 8.88 4.49 -5.52
N LEU A 94 10.01 5.14 -5.75
CA LEU A 94 10.51 5.44 -7.12
C LEU A 94 9.59 6.38 -7.92
N ASN A 95 8.81 7.21 -7.21
CA ASN A 95 7.94 8.19 -7.88
C ASN A 95 8.87 9.19 -8.59
N PRO A 96 8.61 9.42 -9.87
CA PRO A 96 9.47 10.32 -10.63
C PRO A 96 9.55 11.71 -10.03
N LYS A 97 10.68 12.33 -10.19
CA LYS A 97 10.98 13.62 -9.62
C LYS A 97 9.96 14.61 -10.18
N ALA A 98 9.64 14.49 -11.46
CA ALA A 98 8.70 15.44 -12.13
C ALA A 98 7.27 15.35 -11.52
N ASN A 99 6.91 14.11 -11.10
CA ASN A 99 5.56 13.87 -10.49
C ASN A 99 5.58 14.49 -9.09
N ARG A 100 6.71 14.42 -8.39
CA ARG A 100 6.81 14.99 -7.01
C ARG A 100 6.65 16.52 -7.11
N GLU A 101 7.24 17.08 -8.16
CA GLU A 101 7.21 18.54 -8.32
C GLU A 101 5.78 18.96 -8.71
N LYS A 102 5.12 18.21 -9.58
CA LYS A 102 3.74 18.52 -10.03
C LYS A 102 2.74 18.44 -8.83
N MET A 103 2.89 17.45 -7.94
CA MET A 103 2.03 17.35 -6.73
C MET A 103 2.27 18.57 -5.84
N THR A 104 3.54 18.97 -5.67
CA THR A 104 3.91 20.08 -4.77
C THR A 104 3.31 21.40 -5.31
N GLN A 105 3.52 21.60 -6.60
CA GLN A 105 2.93 22.75 -7.23
C GLN A 105 1.39 22.84 -7.08
N ILE A 106 0.69 21.76 -7.31
CA ILE A 106 -0.76 21.72 -7.20
C ILE A 106 -1.20 22.07 -5.79
N MET A 107 -0.47 21.46 -4.85
CA MET A 107 -0.87 21.72 -3.46
C MET A 107 -0.70 23.16 -3.08
N PHE A 108 0.44 23.74 -3.44
CA PHE A 108 0.67 25.17 -2.99
C PHE A 108 -0.07 26.15 -3.84
N GLU A 109 -0.23 25.85 -5.15
CA GLU A 109 -0.77 26.93 -6.06
C GLU A 109 -2.24 26.80 -6.26
N THR A 110 -2.73 25.57 -6.34
CA THR A 110 -4.20 25.29 -6.49
C THR A 110 -4.91 25.25 -5.16
N PHE A 111 -4.39 24.49 -4.20
CA PHE A 111 -5.05 24.35 -2.93
C PHE A 111 -4.60 25.29 -1.86
N ASN A 112 -3.50 26.03 -2.12
CA ASN A 112 -3.00 27.04 -1.21
C ASN A 112 -2.72 26.51 0.18
N VAL A 113 -2.22 25.27 0.23
CA VAL A 113 -1.85 24.74 1.57
C VAL A 113 -0.76 25.60 2.22
N PRO A 114 -0.79 25.72 3.58
CA PRO A 114 0.20 26.50 4.27
C PRO A 114 1.52 25.75 4.38
N ALA A 115 1.44 24.42 4.22
CA ALA A 115 2.66 23.61 4.42
C ALA A 115 2.36 22.22 3.89
N MET A 116 3.35 21.52 3.41
CA MET A 116 3.06 20.16 2.91
C MET A 116 4.29 19.31 3.03
N TYR A 117 4.09 18.02 2.90
CA TYR A 117 5.23 17.05 2.93
C TYR A 117 4.79 15.88 2.07
N VAL A 118 5.75 15.24 1.38
CA VAL A 118 5.38 13.99 0.67
C VAL A 118 6.27 12.84 1.18
N ALA A 119 5.62 11.75 1.63
CA ALA A 119 6.40 10.61 2.20
C ALA A 119 6.14 9.39 1.35
N ILE A 120 7.17 8.50 1.28
CA ILE A 120 6.97 7.25 0.59
C ILE A 120 6.07 6.26 1.36
N GLN A 121 5.09 5.71 0.67
CA GLN A 121 4.06 4.81 1.30
C GLN A 121 4.74 3.79 2.22
N ALA A 122 5.66 3.00 1.66
CA ALA A 122 6.24 1.90 2.43
C ALA A 122 7.02 2.40 3.63
N VAL A 123 7.64 3.60 3.58
CA VAL A 123 8.37 4.13 4.70
C VAL A 123 7.37 4.38 5.84
N LEU A 124 6.20 4.96 5.49
CA LEU A 124 5.18 5.24 6.50
C LEU A 124 4.72 3.95 7.12
N SER A 125 4.58 2.84 6.40
CA SER A 125 4.13 1.65 7.10
C SER A 125 5.25 1.11 8.02
N LEU A 126 6.50 1.31 7.67
CA LEU A 126 7.56 0.92 8.56
C LEU A 126 7.45 1.70 9.85
N TYR A 127 7.28 3.03 9.71
CA TYR A 127 7.09 3.89 10.87
C TYR A 127 5.89 3.46 11.73
N ALA A 128 4.77 3.07 11.11
CA ALA A 128 3.59 2.62 11.87
C ALA A 128 3.97 1.44 12.78
N SER A 129 4.96 0.69 12.39
CA SER A 129 5.36 -0.51 13.21
C SER A 129 6.37 -0.14 14.27
N GLY A 130 6.70 1.12 14.46
CA GLY A 130 7.65 1.59 15.42
C GLY A 130 9.12 1.37 14.98
N ARG A 131 9.36 1.24 13.67
CA ARG A 131 10.73 0.99 13.19
C ARG A 131 11.13 2.10 12.22
N THR A 132 12.45 2.27 12.09
CA THR A 132 13.05 3.23 11.13
C THR A 132 13.95 2.51 10.17
N THR A 133 14.30 1.27 10.48
CA THR A 133 15.07 0.42 9.49
C THR A 133 14.36 -0.92 9.31
N GLY A 134 14.29 -1.41 8.09
CA GLY A 134 13.61 -2.67 7.81
C GLY A 134 13.29 -2.83 6.35
N ILE A 135 12.61 -3.92 5.99
CA ILE A 135 12.23 -4.00 4.61
C ILE A 135 10.76 -4.22 4.55
N VAL A 136 10.05 -3.44 3.74
CA VAL A 136 8.60 -3.56 3.67
C VAL A 136 8.15 -4.25 2.43
N LEU A 137 7.11 -5.04 2.50
CA LEU A 137 6.36 -5.57 1.29
C LEU A 137 5.07 -4.84 1.36
N ASP A 138 4.88 -3.92 0.42
CA ASP A 138 3.65 -3.15 0.42
C ASP A 138 2.88 -3.58 -0.82
N SER A 139 1.69 -4.10 -0.65
CA SER A 139 0.93 -4.65 -1.79
C SER A 139 -0.47 -4.05 -1.71
N GLY A 140 -0.90 -3.26 -2.67
CA GLY A 140 -2.25 -2.65 -2.58
C GLY A 140 -3.10 -3.14 -3.73
N ASP A 141 -3.72 -2.22 -4.46
CA ASP A 141 -4.66 -2.62 -5.52
C ASP A 141 -3.94 -2.66 -6.90
N GLY A 142 -3.07 -1.70 -7.15
CA GLY A 142 -2.43 -1.65 -8.47
C GLY A 142 -0.98 -1.98 -8.50
N VAL A 143 -0.27 -2.03 -7.35
CA VAL A 143 1.16 -2.21 -7.41
C VAL A 143 1.64 -2.88 -6.13
N THR A 144 2.78 -3.60 -6.23
CA THR A 144 3.43 -4.21 -5.08
C THR A 144 4.85 -3.74 -5.13
N HIS A 145 5.45 -3.42 -4.00
CA HIS A 145 6.88 -3.14 -3.91
C HIS A 145 7.53 -3.85 -2.74
N ASN A 146 8.81 -4.15 -2.93
CA ASN A 146 9.76 -4.44 -1.86
C ASN A 146 10.59 -3.23 -1.63
N VAL A 147 10.64 -2.73 -0.38
CA VAL A 147 11.30 -1.49 -0.11
C VAL A 147 12.18 -1.56 1.14
N PRO A 148 13.51 -1.72 0.98
CA PRO A 148 14.44 -1.70 2.07
C PRO A 148 14.69 -0.27 2.49
N ILE A 149 14.73 -0.04 3.79
CA ILE A 149 14.82 1.30 4.36
C ILE A 149 15.83 1.31 5.47
N TYR A 150 16.71 2.31 5.42
CA TYR A 150 17.72 2.53 6.43
C TYR A 150 17.49 3.86 7.00
N GLU A 151 17.12 3.89 8.28
CA GLU A 151 16.87 5.14 9.02
C GLU A 151 16.01 6.09 8.27
N GLY A 152 14.89 5.57 7.81
CA GLY A 152 13.84 6.36 7.11
C GLY A 152 14.16 6.69 5.69
N TYR A 153 15.33 6.30 5.18
CA TYR A 153 15.62 6.41 3.77
C TYR A 153 15.33 5.15 2.99
N ALA A 154 14.37 5.19 2.05
CA ALA A 154 14.15 4.11 1.07
C ALA A 154 15.33 3.98 0.10
N LEU A 155 15.91 2.79 -0.04
CA LEU A 155 17.17 2.64 -0.79
C LEU A 155 16.84 2.38 -2.27
N PRO A 156 17.04 3.37 -3.17
CA PRO A 156 16.34 3.31 -4.44
C PRO A 156 16.87 2.24 -5.38
N HIS A 157 18.16 1.90 -5.23
CA HIS A 157 18.84 0.93 -6.08
C HIS A 157 18.36 -0.46 -5.70
N ALA A 158 17.68 -0.57 -4.56
CA ALA A 158 17.26 -1.88 -4.05
C ALA A 158 15.76 -2.08 -4.04
N ILE A 159 15.05 -1.00 -4.35
CA ILE A 159 13.58 -1.13 -4.47
C ILE A 159 13.12 -1.97 -5.65
N MET A 160 12.16 -2.88 -5.44
CA MET A 160 11.61 -3.73 -6.53
C MET A 160 10.15 -3.37 -6.69
N ARG A 161 9.69 -3.17 -7.95
CA ARG A 161 8.31 -2.97 -8.23
C ARG A 161 7.78 -4.14 -9.00
N LEU A 162 6.58 -4.53 -8.67
CA LEU A 162 5.85 -5.56 -9.39
C LEU A 162 4.44 -5.06 -9.69
N ASP A 163 4.06 -4.97 -10.96
CA ASP A 163 2.68 -4.55 -11.29
C ASP A 163 1.74 -5.75 -11.25
N LEU A 164 1.54 -6.30 -10.07
CA LEU A 164 0.72 -7.44 -9.82
C LEU A 164 0.29 -7.15 -8.40
N ALA A 165 -0.98 -6.86 -8.24
CA ALA A 165 -1.50 -6.57 -6.88
C ALA A 165 -2.98 -6.92 -6.87
N GLY A 166 -3.73 -6.31 -5.98
CA GLY A 166 -5.07 -6.79 -5.66
C GLY A 166 -6.00 -6.83 -6.91
N ARG A 167 -5.92 -5.82 -7.77
CA ARG A 167 -6.84 -5.74 -8.89
C ARG A 167 -6.55 -6.95 -9.85
N ASP A 168 -5.28 -7.29 -9.98
CA ASP A 168 -4.87 -8.43 -10.87
C ASP A 168 -5.34 -9.69 -10.25
N LEU A 169 -5.29 -9.81 -8.91
CA LEU A 169 -5.76 -11.00 -8.30
C LEU A 169 -7.26 -11.15 -8.51
N THR A 170 -8.01 -10.06 -8.36
CA THR A 170 -9.45 -10.17 -8.60
C THR A 170 -9.69 -10.61 -10.08
N ASP A 171 -8.95 -10.05 -11.02
CA ASP A 171 -9.16 -10.33 -12.46
C ASP A 171 -8.82 -11.83 -12.69
N TYR A 172 -7.78 -12.34 -12.02
CA TYR A 172 -7.49 -13.78 -12.21
C TYR A 172 -8.54 -14.67 -11.56
N LEU A 173 -9.07 -14.31 -10.39
CA LEU A 173 -10.13 -15.10 -9.82
C LEU A 173 -11.35 -15.09 -10.78
N MET A 174 -11.64 -13.95 -11.38
CA MET A 174 -12.75 -13.86 -12.38
C MET A 174 -12.48 -14.89 -13.53
N LYS A 175 -11.26 -14.92 -14.01
CA LYS A 175 -10.86 -15.79 -15.12
C LYS A 175 -10.99 -17.26 -14.71
N ILE A 176 -10.51 -17.64 -13.53
CA ILE A 176 -10.57 -19.07 -13.21
C ILE A 176 -12.01 -19.50 -12.84
N LEU A 177 -12.87 -18.59 -12.36
CA LEU A 177 -14.28 -18.91 -12.18
C LEU A 177 -14.96 -18.98 -13.55
N THR A 178 -14.56 -18.10 -14.48
CA THR A 178 -15.27 -17.97 -15.80
C THR A 178 -15.03 -19.28 -16.49
N GLU A 179 -13.84 -19.79 -16.32
CA GLU A 179 -13.50 -21.09 -16.86
C GLU A 179 -14.06 -22.38 -16.28
N ARG A 180 -14.53 -22.43 -15.05
CA ARG A 180 -15.83 -22.99 -14.67
C ARG A 180 -17.26 -22.72 -15.16
N GLY A 181 -17.44 -21.83 -16.11
CA GLY A 181 -18.80 -21.54 -16.58
C GLY A 181 -19.48 -20.39 -15.85
N TYR A 182 -18.88 -19.81 -14.82
CA TYR A 182 -19.46 -18.62 -14.15
C TYR A 182 -18.87 -17.37 -14.73
N SER A 183 -19.61 -16.59 -15.52
CA SER A 183 -18.99 -15.52 -16.28
C SER A 183 -19.01 -14.17 -15.49
N PHE A 184 -17.82 -13.69 -15.12
CA PHE A 184 -17.60 -12.40 -14.50
C PHE A 184 -16.71 -11.65 -15.45
N VAL A 185 -17.28 -10.59 -16.03
CA VAL A 185 -16.57 -9.79 -17.01
C VAL A 185 -16.79 -8.29 -16.76
N THR A 186 -17.99 -7.88 -16.37
CA THR A 186 -18.28 -6.47 -16.29
C THR A 186 -17.71 -5.76 -15.05
N THR A 187 -17.79 -4.40 -15.04
CA THR A 187 -17.38 -3.64 -13.84
C THR A 187 -18.10 -4.09 -12.59
N ALA A 188 -19.42 -4.31 -12.66
CA ALA A 188 -20.12 -4.74 -11.47
C ALA A 188 -19.73 -6.18 -11.03
N GLU A 189 -19.53 -7.01 -12.06
CA GLU A 189 -19.11 -8.41 -11.80
C GLU A 189 -17.71 -8.42 -11.19
N ARG A 190 -16.83 -7.54 -11.64
CA ARG A 190 -15.48 -7.42 -11.03
C ARG A 190 -15.61 -7.10 -9.52
N GLU A 191 -16.56 -6.25 -9.13
CA GLU A 191 -16.70 -5.92 -7.74
C GLU A 191 -17.22 -7.10 -6.90
N ILE A 192 -18.13 -7.88 -7.48
CA ILE A 192 -18.61 -9.10 -6.86
C ILE A 192 -17.39 -10.02 -6.58
N VAL A 193 -16.57 -10.23 -7.62
CA VAL A 193 -15.41 -11.14 -7.44
C VAL A 193 -14.37 -10.55 -6.42
N ARG A 194 -14.24 -9.21 -6.35
CA ARG A 194 -13.31 -8.65 -5.38
C ARG A 194 -13.79 -8.97 -4.01
N ASP A 195 -15.13 -8.92 -3.78
CA ASP A 195 -15.68 -9.29 -2.48
C ASP A 195 -15.47 -10.82 -2.14
N ILE A 196 -15.65 -11.65 -3.15
CA ILE A 196 -15.42 -13.10 -2.98
C ILE A 196 -13.94 -13.26 -2.54
N LYS A 197 -13.02 -12.65 -3.26
CA LYS A 197 -11.60 -12.70 -2.95
C LYS A 197 -11.25 -12.27 -1.52
N GLU A 198 -11.78 -11.10 -1.10
CA GLU A 198 -11.52 -10.61 0.24
C GLU A 198 -12.11 -11.52 1.30
N LYS A 199 -13.26 -12.11 0.99
CA LYS A 199 -13.97 -12.90 2.04
C LYS A 199 -13.42 -14.30 2.21
N LEU A 200 -13.01 -14.87 1.09
CA LEU A 200 -12.81 -16.34 1.01
C LEU A 200 -11.43 -16.82 0.68
N CYS A 201 -10.58 -15.95 0.09
CA CYS A 201 -9.27 -16.41 -0.30
C CYS A 201 -8.28 -16.53 0.87
N TYR A 202 -7.25 -17.32 0.66
CA TYR A 202 -6.12 -17.43 1.61
C TYR A 202 -4.90 -17.91 0.89
N VAL A 203 -3.73 -17.74 1.50
CA VAL A 203 -2.47 -18.25 0.94
C VAL A 203 -2.15 -19.62 1.59
N ALA A 204 -2.01 -20.62 0.74
CA ALA A 204 -1.65 -21.93 1.24
C ALA A 204 -0.20 -21.92 1.72
N LEU A 205 0.10 -22.68 2.78
CA LEU A 205 1.47 -22.84 3.21
C LEU A 205 2.30 -23.66 2.23
N ASP A 206 1.68 -24.73 1.70
CA ASP A 206 2.30 -25.54 0.68
C ASP A 206 1.27 -25.70 -0.45
N PHE A 207 1.54 -25.05 -1.58
CA PHE A 207 0.55 -24.97 -2.64
C PHE A 207 0.17 -26.35 -3.22
N GLU A 208 1.23 -27.11 -3.56
CA GLU A 208 1.00 -28.50 -4.07
C GLU A 208 0.16 -29.40 -3.10
N ASN A 209 0.54 -29.43 -1.82
CA ASN A 209 -0.25 -30.13 -0.78
C ASN A 209 -1.69 -29.70 -0.74
N GLU A 210 -1.92 -28.39 -0.81
CA GLU A 210 -3.25 -27.88 -0.65
C GLU A 210 -4.12 -28.22 -1.87
N MET A 211 -3.50 -28.21 -3.05
CA MET A 211 -4.12 -28.69 -4.27
C MET A 211 -4.67 -30.15 -4.09
N ALA A 212 -3.95 -30.95 -3.32
CA ALA A 212 -4.39 -32.35 -3.10
C ALA A 212 -5.53 -32.43 -2.10
N THR A 213 -5.43 -31.69 -1.00
CA THR A 213 -6.53 -31.61 -0.06
C THR A 213 -7.85 -31.13 -0.68
N ALA A 214 -7.73 -30.12 -1.54
CA ALA A 214 -8.88 -29.54 -2.27
C ALA A 214 -9.65 -30.61 -3.02
N ALA A 215 -8.89 -31.45 -3.71
CA ALA A 215 -9.38 -32.55 -4.54
C ALA A 215 -9.83 -33.78 -3.78
N SER A 216 -9.52 -33.87 -2.49
CA SER A 216 -9.65 -35.13 -1.78
C SER A 216 -10.84 -35.05 -0.85
N SER A 217 -11.35 -33.84 -0.64
CA SER A 217 -12.28 -33.62 0.45
C SER A 217 -13.05 -32.37 0.04
N SER A 218 -14.23 -32.16 0.62
CA SER A 218 -14.93 -30.89 0.40
C SER A 218 -14.63 -29.93 1.57
N SER A 219 -13.58 -30.24 2.35
CA SER A 219 -13.38 -29.60 3.65
C SER A 219 -12.95 -28.12 3.51
N LEU A 220 -12.35 -27.82 2.36
CA LEU A 220 -11.82 -26.49 2.05
C LEU A 220 -12.88 -25.62 1.32
N GLU A 221 -14.05 -26.19 1.06
CA GLU A 221 -15.05 -25.48 0.24
C GLU A 221 -15.78 -24.41 0.96
N LYS A 222 -16.10 -23.36 0.22
CA LYS A 222 -16.97 -22.32 0.72
C LYS A 222 -17.96 -21.92 -0.33
N SER A 223 -19.11 -21.47 0.12
CA SER A 223 -20.20 -21.11 -0.79
C SER A 223 -20.50 -19.61 -0.74
N TYR A 224 -20.86 -19.08 -1.89
CA TYR A 224 -21.11 -17.65 -1.96
C TYR A 224 -22.38 -17.38 -2.76
N GLU A 225 -23.27 -16.55 -2.22
CA GLU A 225 -24.48 -16.22 -3.00
C GLU A 225 -24.31 -14.94 -3.81
N LEU A 226 -24.47 -15.11 -5.13
CA LEU A 226 -24.40 -14.02 -6.12
C LEU A 226 -25.71 -13.24 -6.17
N PRO A 227 -25.75 -12.15 -6.95
CA PRO A 227 -26.88 -11.21 -6.91
C PRO A 227 -28.16 -11.81 -7.44
N ASP A 228 -28.07 -12.66 -8.44
CA ASP A 228 -29.26 -13.28 -8.97
C ASP A 228 -29.77 -14.48 -8.14
N GLY A 229 -29.20 -14.68 -6.95
CA GLY A 229 -29.52 -15.83 -6.11
C GLY A 229 -28.91 -17.17 -6.52
N GLN A 230 -28.01 -17.15 -7.51
CA GLN A 230 -27.14 -18.28 -7.81
C GLN A 230 -26.18 -18.39 -6.63
N VAL A 231 -25.91 -19.62 -6.19
CA VAL A 231 -24.92 -19.85 -5.13
C VAL A 231 -23.77 -20.60 -5.79
N ILE A 232 -22.56 -20.03 -5.68
CA ILE A 232 -21.39 -20.67 -6.25
C ILE A 232 -20.55 -21.21 -5.14
N THR A 233 -19.85 -22.31 -5.44
CA THR A 233 -18.98 -22.95 -4.48
C THR A 233 -17.57 -22.84 -5.00
N ILE A 234 -16.66 -22.41 -4.13
CA ILE A 234 -15.25 -22.38 -4.56
C ILE A 234 -14.39 -23.21 -3.64
N GLY A 235 -13.38 -23.83 -4.22
CA GLY A 235 -12.52 -24.69 -3.46
C GLY A 235 -11.09 -24.23 -3.55
N ASN A 236 -10.39 -24.85 -4.48
CA ASN A 236 -8.98 -24.54 -4.68
C ASN A 236 -8.85 -23.11 -5.20
N GLU A 237 -9.95 -22.48 -5.64
CA GLU A 237 -9.78 -21.11 -6.16
C GLU A 237 -9.45 -20.21 -4.97
N ARG A 238 -9.87 -20.58 -3.75
CA ARG A 238 -9.57 -19.80 -2.54
C ARG A 238 -8.07 -19.50 -2.42
N PHE A 239 -7.23 -20.48 -2.74
CA PHE A 239 -5.72 -20.26 -2.62
C PHE A 239 -4.98 -20.07 -3.91
N ARG A 240 -5.53 -20.59 -5.03
CA ARG A 240 -4.95 -20.38 -6.29
C ARG A 240 -4.87 -18.89 -6.66
N CYS A 241 -5.93 -18.14 -6.33
CA CYS A 241 -5.95 -16.71 -6.67
C CYS A 241 -4.72 -15.96 -6.05
N PRO A 242 -4.52 -16.03 -4.70
CA PRO A 242 -3.37 -15.32 -4.22
C PRO A 242 -2.02 -16.00 -4.39
N GLU A 243 -2.06 -17.31 -4.69
CA GLU A 243 -0.83 -17.97 -5.07
C GLU A 243 -0.10 -17.24 -6.20
N THR A 244 -0.84 -16.47 -7.04
CA THR A 244 -0.25 -15.69 -8.08
C THR A 244 0.88 -14.76 -7.61
N LEU A 245 0.75 -14.28 -6.35
CA LEU A 245 1.79 -13.40 -5.81
C LEU A 245 3.14 -14.09 -5.70
N PHE A 246 3.11 -15.40 -5.39
CA PHE A 246 4.30 -16.25 -5.40
C PHE A 246 4.64 -16.91 -6.73
N GLN A 247 3.63 -17.07 -7.60
CA GLN A 247 3.82 -17.64 -8.98
C GLN A 247 3.18 -16.74 -10.01
N PRO A 248 3.87 -15.65 -10.37
CA PRO A 248 3.28 -14.69 -11.26
C PRO A 248 3.04 -15.31 -12.65
N SER A 249 3.68 -16.45 -12.95
CA SER A 249 3.41 -17.14 -14.22
C SER A 249 1.93 -17.54 -14.34
N PHE A 250 1.19 -17.68 -13.22
CA PHE A 250 -0.28 -17.90 -13.29
C PHE A 250 -1.04 -16.91 -14.19
N ILE A 251 -0.67 -15.64 -14.23
CA ILE A 251 -1.29 -14.62 -15.10
C ILE A 251 -0.33 -14.24 -16.23
N GLY A 252 0.57 -15.15 -16.55
CA GLY A 252 1.54 -14.99 -17.65
C GLY A 252 2.57 -13.89 -17.50
N MET A 253 2.96 -13.58 -16.24
CA MET A 253 4.05 -12.66 -15.97
C MET A 253 5.36 -13.39 -15.75
N GLU A 254 6.46 -12.88 -16.28
CA GLU A 254 7.73 -13.59 -16.12
C GLU A 254 8.47 -13.29 -14.77
N SER A 255 7.95 -12.31 -14.05
CA SER A 255 8.57 -11.93 -12.81
C SER A 255 8.60 -13.08 -11.82
N ALA A 256 9.64 -13.03 -11.01
CA ALA A 256 9.71 -13.86 -9.85
C ALA A 256 8.63 -13.40 -8.85
N GLY A 257 8.22 -14.30 -7.97
CA GLY A 257 7.18 -13.94 -7.01
C GLY A 257 7.77 -13.17 -5.85
N ILE A 258 6.86 -12.79 -4.98
CA ILE A 258 7.20 -11.80 -4.01
C ILE A 258 8.21 -12.24 -2.92
N HIS A 259 8.34 -13.55 -2.67
CA HIS A 259 9.42 -14.01 -1.79
C HIS A 259 10.79 -13.84 -2.48
N GLU A 260 10.87 -14.14 -3.79
CA GLU A 260 12.11 -13.93 -4.52
C GLU A 260 12.50 -12.50 -4.70
N THR A 261 11.50 -11.68 -4.93
CA THR A 261 11.81 -10.27 -5.06
C THR A 261 12.18 -9.63 -3.72
N THR A 262 11.60 -10.13 -2.61
CA THR A 262 12.14 -9.75 -1.30
C THR A 262 13.65 -10.06 -1.16
N TYR A 263 13.96 -11.31 -1.48
CA TYR A 263 15.38 -11.72 -1.51
C TYR A 263 16.23 -10.85 -2.40
N ASN A 264 15.83 -10.62 -3.64
CA ASN A 264 16.63 -9.85 -4.57
C ASN A 264 16.85 -8.43 -4.03
N SER A 265 15.80 -7.92 -3.36
CA SER A 265 15.85 -6.56 -2.80
C SER A 265 16.93 -6.52 -1.65
N ILE A 266 16.88 -7.52 -0.77
CA ILE A 266 17.85 -7.62 0.28
C ILE A 266 19.28 -7.72 -0.24
N MET A 267 19.41 -8.50 -1.30
CA MET A 267 20.73 -8.69 -1.88
C MET A 267 21.27 -7.49 -2.63
N LYS A 268 20.41 -6.53 -2.99
CA LYS A 268 20.87 -5.26 -3.53
C LYS A 268 21.36 -4.27 -2.44
N CYS A 269 21.26 -4.65 -1.15
CA CYS A 269 21.62 -3.79 -0.04
C CYS A 269 22.91 -4.33 0.50
N ASP A 270 23.66 -3.49 1.21
CA ASP A 270 24.97 -3.94 1.76
C ASP A 270 24.80 -5.10 2.73
N ILE A 271 25.75 -6.02 2.80
CA ILE A 271 25.62 -7.09 3.70
C ILE A 271 25.51 -6.57 5.16
N ASP A 272 26.02 -5.36 5.46
CA ASP A 272 25.94 -4.89 6.81
C ASP A 272 24.51 -4.64 7.26
N ILE A 273 23.56 -4.41 6.36
CA ILE A 273 22.26 -4.12 6.97
C ILE A 273 21.36 -5.37 6.84
N ARG A 274 21.85 -6.44 6.22
CA ARG A 274 20.96 -7.52 5.86
C ARG A 274 20.36 -8.21 7.07
N LYS A 275 21.08 -8.43 8.16
CA LYS A 275 20.48 -9.01 9.41
C LYS A 275 19.24 -8.22 9.84
N ASP A 276 19.40 -6.89 9.76
CA ASP A 276 18.30 -6.04 10.18
C ASP A 276 17.15 -6.06 9.24
N LEU A 277 17.38 -6.26 7.94
CA LEU A 277 16.28 -6.37 7.03
C LEU A 277 15.53 -7.68 7.28
N TYR A 278 16.22 -8.80 7.36
CA TYR A 278 15.58 -10.11 7.58
C TYR A 278 14.76 -10.20 8.86
N ALA A 279 15.24 -9.48 9.89
CA ALA A 279 14.58 -9.53 11.17
C ALA A 279 13.48 -8.47 11.27
N ASN A 280 13.24 -7.72 10.19
CA ASN A 280 12.25 -6.58 10.26
C ASN A 280 11.51 -6.48 8.96
N ASN A 281 10.91 -7.57 8.50
CA ASN A 281 10.17 -7.61 7.20
C ASN A 281 8.73 -7.27 7.60
N VAL A 282 8.31 -6.03 7.28
CA VAL A 282 6.93 -5.58 7.58
C VAL A 282 6.05 -5.71 6.31
N MET A 283 4.87 -6.24 6.43
CA MET A 283 3.89 -6.33 5.32
C MET A 283 2.85 -5.27 5.53
N SER A 284 2.45 -4.63 4.44
CA SER A 284 1.42 -3.62 4.50
C SER A 284 0.57 -3.63 3.24
N GLY A 285 -0.63 -3.09 3.34
CA GLY A 285 -1.53 -2.89 2.20
C GLY A 285 -2.56 -4.00 2.09
N GLY A 286 -3.69 -3.71 1.43
CA GLY A 286 -4.84 -4.61 1.38
C GLY A 286 -4.52 -6.03 0.84
N THR A 287 -3.56 -6.11 -0.06
CA THR A 287 -3.27 -7.40 -0.67
C THR A 287 -2.34 -8.26 0.20
N THR A 288 -1.90 -7.69 1.34
CA THR A 288 -1.22 -8.54 2.33
C THR A 288 -2.19 -9.06 3.38
N MET A 289 -3.49 -8.87 3.18
CA MET A 289 -4.47 -9.27 4.25
C MET A 289 -4.77 -10.78 4.29
N TYR A 290 -4.45 -11.50 3.20
CA TYR A 290 -4.78 -12.96 3.10
C TYR A 290 -4.35 -13.73 4.35
N PRO A 291 -5.29 -14.50 4.96
CA PRO A 291 -4.81 -15.45 5.96
C PRO A 291 -3.70 -16.30 5.36
N GLY A 292 -2.64 -16.59 6.16
CA GLY A 292 -1.54 -17.45 5.75
C GLY A 292 -0.42 -16.77 5.00
N ILE A 293 -0.60 -15.52 4.55
CA ILE A 293 0.47 -14.96 3.71
C ILE A 293 1.77 -14.73 4.53
N ALA A 294 1.64 -14.25 5.76
CA ALA A 294 2.85 -14.08 6.61
C ALA A 294 3.57 -15.39 6.79
N ASP A 295 2.83 -16.42 7.12
CA ASP A 295 3.51 -17.72 7.35
C ASP A 295 4.14 -18.28 6.09
N ARG A 296 3.49 -18.06 4.95
CA ARG A 296 4.09 -18.52 3.69
C ARG A 296 5.35 -17.73 3.42
N MET A 297 5.31 -16.39 3.58
CA MET A 297 6.54 -15.63 3.45
C MET A 297 7.64 -16.07 4.38
N GLN A 298 7.30 -16.33 5.64
CA GLN A 298 8.33 -16.74 6.60
C GLN A 298 9.00 -18.07 6.06
N LYS A 299 8.17 -19.00 5.58
CA LYS A 299 8.67 -20.25 5.02
C LYS A 299 9.54 -20.00 3.81
N GLU A 300 9.04 -19.24 2.84
CA GLU A 300 9.89 -19.03 1.68
C GLU A 300 11.19 -18.28 1.93
N ILE A 301 11.15 -17.23 2.73
CA ILE A 301 12.35 -16.42 2.92
C ILE A 301 13.34 -17.29 3.77
N THR A 302 12.84 -18.10 4.71
CA THR A 302 13.75 -19.02 5.45
C THR A 302 14.50 -19.94 4.45
N ALA A 303 13.82 -20.41 3.38
CA ALA A 303 14.47 -21.32 2.42
C ALA A 303 15.57 -20.61 1.63
N LEU A 304 15.48 -19.27 1.53
CA LEU A 304 16.39 -18.54 0.65
C LEU A 304 17.51 -17.88 1.41
N ALA A 305 17.29 -17.61 2.69
CA ALA A 305 18.22 -16.85 3.51
C ALA A 305 19.38 -17.73 4.04
N PRO A 306 20.47 -17.11 4.51
CA PRO A 306 21.45 -17.98 5.13
C PRO A 306 20.90 -18.86 6.26
N SER A 307 21.57 -20.00 6.47
CA SER A 307 21.03 -20.96 7.43
C SER A 307 20.85 -20.50 8.92
N THR A 308 21.63 -19.53 9.37
CA THR A 308 21.52 -19.15 10.77
C THR A 308 20.75 -17.79 10.90
N MET A 309 20.05 -17.40 9.83
CA MET A 309 19.61 -16.00 9.80
C MET A 309 18.31 -15.91 10.53
N LYS A 310 18.19 -14.92 11.43
CA LYS A 310 16.94 -14.67 12.07
C LYS A 310 15.91 -13.97 11.17
N ILE A 311 14.76 -14.61 10.96
CA ILE A 311 13.73 -14.06 10.04
C ILE A 311 12.56 -13.68 10.90
N LYS A 312 12.06 -12.46 10.71
CA LYS A 312 10.81 -12.08 11.38
C LYS A 312 9.91 -11.33 10.36
N ILE A 313 8.70 -11.80 10.20
CA ILE A 313 7.66 -11.15 9.40
C ILE A 313 6.65 -10.49 10.31
N ILE A 314 6.47 -9.18 10.13
CA ILE A 314 5.59 -8.38 10.99
C ILE A 314 4.42 -8.03 10.13
N ALA A 315 3.27 -8.61 10.41
CA ALA A 315 2.08 -8.37 9.55
C ALA A 315 0.92 -8.10 10.44
N PRO A 316 0.83 -6.91 10.95
CA PRO A 316 -0.15 -6.71 12.06
C PRO A 316 -1.55 -6.54 11.55
N PRO A 317 -2.51 -6.70 12.47
CA PRO A 317 -3.86 -6.83 11.92
C PRO A 317 -4.38 -5.53 11.26
N GLU A 318 -3.81 -4.39 11.60
CA GLU A 318 -4.27 -3.12 11.01
C GLU A 318 -3.60 -2.81 9.72
N ARG A 319 -2.88 -3.78 9.14
CA ARG A 319 -1.99 -3.44 7.99
C ARG A 319 -2.68 -2.91 6.71
N LYS A 320 -3.99 -3.04 6.50
CA LYS A 320 -4.67 -2.43 5.33
C LYS A 320 -4.45 -0.91 5.37
N TYR A 321 -4.30 -0.32 6.58
CA TYR A 321 -4.22 1.15 6.69
C TYR A 321 -2.88 1.59 7.30
N SER A 322 -1.88 0.67 7.43
CA SER A 322 -0.64 1.09 8.14
C SER A 322 0.12 2.26 7.43
N VAL A 323 0.04 2.33 6.09
CA VAL A 323 0.64 3.54 5.42
C VAL A 323 -0.02 4.80 6.00
N TRP A 324 -1.33 4.83 6.02
CA TRP A 324 -2.04 6.01 6.52
C TRP A 324 -1.71 6.26 8.01
N ILE A 325 -1.71 5.18 8.81
CA ILE A 325 -1.36 5.32 10.23
C ILE A 325 0.07 5.85 10.48
N GLY A 326 1.06 5.39 9.68
CA GLY A 326 2.37 5.93 9.81
C GLY A 326 2.43 7.41 9.49
N GLY A 327 1.60 7.76 8.50
CA GLY A 327 1.51 9.24 8.13
C GLY A 327 0.90 10.06 9.30
N SER A 328 -0.12 9.47 9.93
CA SER A 328 -0.85 10.10 11.08
C SER A 328 0.15 10.27 12.23
N ILE A 329 0.96 9.25 12.50
CA ILE A 329 2.04 9.39 13.50
C ILE A 329 2.99 10.45 13.11
N LEU A 330 3.62 10.30 11.92
CA LEU A 330 4.65 11.23 11.50
C LEU A 330 4.23 12.70 11.65
N ALA A 331 3.12 13.03 10.98
CA ALA A 331 2.66 14.44 10.88
C ALA A 331 2.16 14.97 12.20
N SER A 332 1.96 14.12 13.21
CA SER A 332 1.58 14.60 14.54
C SER A 332 2.71 14.52 15.55
N LEU A 333 3.93 14.23 15.12
CA LEU A 333 5.07 14.26 16.05
C LEU A 333 5.64 15.68 16.14
N SER A 334 5.94 16.06 17.40
CA SER A 334 6.50 17.36 17.66
C SER A 334 7.85 17.57 16.92
N THR A 335 8.63 16.48 16.76
CA THR A 335 9.96 16.48 16.14
C THR A 335 9.81 16.58 14.63
N PHE A 336 8.57 16.46 14.13
CA PHE A 336 8.33 16.59 12.67
C PHE A 336 8.03 18.02 12.27
N GLN A 337 7.70 18.88 13.23
CA GLN A 337 7.10 20.18 12.82
C GLN A 337 8.02 21.09 12.01
N GLN A 338 9.35 20.93 12.13
CA GLN A 338 10.32 21.73 11.30
C GLN A 338 10.53 21.11 9.91
N MET A 339 9.93 19.94 9.63
CA MET A 339 10.28 19.24 8.41
C MET A 339 9.29 19.61 7.28
N TRP A 340 8.15 20.17 7.64
CA TRP A 340 7.17 20.57 6.59
C TRP A 340 7.84 21.54 5.60
N ILE A 341 7.48 21.43 4.31
CA ILE A 341 7.80 22.50 3.31
C ILE A 341 6.75 23.57 3.62
N THR A 342 7.16 24.80 3.94
CA THR A 342 6.18 25.89 4.15
C THR A 342 5.89 26.60 2.80
N LYS A 343 4.76 27.28 2.74
CA LYS A 343 4.39 28.05 1.59
C LYS A 343 5.45 29.10 1.32
N GLN A 344 5.99 29.73 2.36
CA GLN A 344 7.12 30.68 2.19
C GLN A 344 8.31 30.05 1.42
N GLU A 345 8.72 28.83 1.83
CA GLU A 345 9.81 28.12 1.15
C GLU A 345 9.49 27.80 -0.31
N TYR A 346 8.24 27.40 -0.57
CA TYR A 346 7.79 27.14 -1.94
C TYR A 346 7.79 28.42 -2.78
N ASP A 347 7.27 29.52 -2.22
CA ASP A 347 7.34 30.79 -2.92
C ASP A 347 8.78 31.21 -3.33
N GLU A 348 9.77 30.87 -2.52
CA GLU A 348 11.17 31.27 -2.81
C GLU A 348 11.91 30.27 -3.70
N ALA A 349 11.58 28.99 -3.54
CA ALA A 349 12.41 27.97 -4.22
C ALA A 349 11.69 27.38 -5.41
N GLY A 350 10.35 27.45 -5.41
CA GLY A 350 9.46 26.76 -6.37
C GLY A 350 9.36 25.25 -6.13
N PRO A 351 8.78 24.52 -7.12
CA PRO A 351 8.46 23.09 -6.90
C PRO A 351 9.62 22.16 -6.53
N SER A 352 10.85 22.49 -6.96
CA SER A 352 11.99 21.62 -6.67
C SER A 352 12.41 21.61 -5.18
N ILE A 353 11.81 22.51 -4.37
CA ILE A 353 11.95 22.46 -2.92
C ILE A 353 11.61 21.03 -2.42
N VAL A 354 10.76 20.29 -3.14
CA VAL A 354 10.33 18.97 -2.67
C VAL A 354 11.49 17.98 -2.56
N HIS A 355 12.51 18.18 -3.40
CA HIS A 355 13.66 17.27 -3.45
C HIS A 355 14.59 17.56 -2.29
N ARG A 356 14.68 18.83 -1.86
CA ARG A 356 15.51 19.23 -0.71
C ARG A 356 14.92 18.69 0.56
N LYS A 357 13.59 18.66 0.63
CA LYS A 357 12.97 18.51 1.94
C LYS A 357 12.34 17.14 2.10
N CYS A 358 11.99 16.43 1.02
CA CYS A 358 11.30 15.13 1.24
C CYS A 358 12.07 13.91 0.74
N PRO B 14 22.34 14.93 18.91
CA PRO B 14 21.40 14.40 17.91
C PRO B 14 20.85 15.50 17.01
N SER B 15 21.03 15.34 15.70
CA SER B 15 20.38 16.20 14.70
C SER B 15 18.83 16.16 14.87
N PRO B 16 18.11 17.17 14.30
CA PRO B 16 16.63 17.12 14.31
C PRO B 16 16.10 15.82 13.65
N ARG B 17 16.76 15.36 12.60
CA ARG B 17 16.38 14.11 11.93
C ARG B 17 16.57 12.93 12.87
N GLU B 18 17.69 12.91 13.58
CA GLU B 18 17.90 11.85 14.56
C GLU B 18 16.89 11.88 15.72
N GLN B 19 16.50 13.07 16.21
CA GLN B 19 15.45 13.13 17.19
C GLN B 19 14.11 12.62 16.60
N LEU B 20 13.87 12.91 15.32
CA LEU B 20 12.65 12.46 14.69
C LEU B 20 12.66 10.93 14.63
N MET B 21 13.75 10.31 14.22
CA MET B 21 13.80 8.85 14.14
C MET B 21 13.57 8.21 15.53
N GLU B 22 14.22 8.74 16.58
CA GLU B 22 13.98 8.31 17.94
C GLU B 22 12.47 8.42 18.32
N SER B 23 11.83 9.54 17.99
CA SER B 23 10.42 9.70 18.33
C SER B 23 9.54 8.65 17.62
N ILE B 24 9.93 8.30 16.37
CA ILE B 24 9.16 7.32 15.64
C ILE B 24 9.30 5.94 16.32
N ARG B 25 10.51 5.61 16.78
CA ARG B 25 10.70 4.35 17.49
C ARG B 25 9.99 4.31 18.80
N LYS B 26 9.88 5.46 19.44
CA LYS B 26 9.13 5.52 20.69
C LYS B 26 7.65 5.23 20.48
N GLY B 27 7.07 5.82 19.44
CA GLY B 27 5.68 5.57 19.12
C GLY B 27 4.80 6.49 19.95
N LYS B 28 3.51 6.36 19.76
CA LYS B 28 2.57 7.22 20.45
C LYS B 28 1.16 6.68 20.41
N GLU B 29 0.32 7.15 21.32
CA GLU B 29 -1.05 6.83 21.27
C GLU B 29 -1.75 7.70 20.22
N LEU B 30 -2.63 7.13 19.45
CA LEU B 30 -3.44 7.84 18.45
C LEU B 30 -4.88 7.96 18.95
N LYS B 31 -5.56 9.03 18.58
CA LYS B 31 -6.96 9.25 18.97
C LYS B 31 -7.95 8.32 18.26
N GLN B 32 -8.89 7.71 19.01
CA GLN B 32 -9.85 6.86 18.40
C GLN B 32 -10.83 7.78 17.57
N ILE B 33 -11.19 7.37 16.36
CA ILE B 33 -12.15 8.16 15.55
C ILE B 33 -13.57 7.64 15.70
CA CA C . -1.34 1.88 -1.14
PG ATP D . -1.73 0.87 -4.34
O1G ATP D . -1.40 -0.42 -5.10
O2G ATP D . -0.81 1.17 -3.00
O3G ATP D . -1.75 2.09 -5.32
PB ATP D . -4.15 1.09 -2.69
O1B ATP D . -3.27 1.69 -1.62
O2B ATP D . -5.39 1.76 -3.23
O3B ATP D . -3.28 0.59 -3.93
PA ATP D . -5.04 -0.77 -0.61
O1A ATP D . -3.83 -1.04 0.21
O2A ATP D . -6.02 0.26 -0.15
O3A ATP D . -4.55 -0.34 -2.12
O5' ATP D . -5.77 -2.18 -0.89
C5' ATP D . -6.96 -2.33 -1.63
C4' ATP D . -6.71 -3.65 -2.34
O4' ATP D . -6.67 -4.62 -1.26
C3' ATP D . -7.87 -4.13 -3.18
O3' ATP D . -7.40 -4.96 -4.26
C2' ATP D . -8.65 -4.98 -2.23
O2' ATP D . -9.47 -5.96 -2.89
C1' ATP D . -7.53 -5.67 -1.47
N9 ATP D . -7.97 -6.18 -0.13
C8 ATP D . -8.61 -5.47 0.81
N7 ATP D . -8.92 -6.24 1.87
C5 ATP D . -8.53 -7.45 1.59
C6 ATP D . -8.59 -8.74 2.21
N6 ATP D . -9.14 -8.83 3.47
N1 ATP D . -7.99 -9.73 1.49
C2 ATP D . -7.45 -9.70 0.27
N3 ATP D . -7.40 -8.52 -0.38
C4 ATP D . -7.92 -7.47 0.27
O5 LAB E . -9.90 -5.74 -6.94
C18 LAB E . -10.41 -4.86 -7.57
N1 LAB E . -9.85 -3.64 -7.54
C16 LAB E . -10.82 -2.73 -8.13
C17 LAB E . -11.63 -3.29 -9.29
S1 LAB E . -11.81 -4.97 -8.57
C15 LAB E . -11.43 -1.75 -7.17
O4 LAB E . -12.52 -2.44 -6.56
C14 LAB E . -10.47 -1.34 -6.00
C13 LAB E . -11.02 -0.19 -5.05
O2 LAB E . -12.15 -0.52 -4.22
C12 LAB E . -11.62 0.89 -5.90
C11 LAB E . -12.51 0.33 -6.95
O3 LAB E . -12.01 -0.64 -7.84
C10 LAB E . -13.24 1.28 -7.75
C9 LAB E . -14.45 0.75 -8.55
C8 LAB E . -15.70 0.61 -7.74
C20 LAB E . -16.92 -0.05 -8.42
C7 LAB E . -15.90 1.41 -6.47
C6 LAB E . -15.90 1.18 -5.10
C5 LAB E . -15.55 -0.03 -4.50
C4 LAB E . -14.63 0.30 -3.35
C3 LAB E . -14.35 -0.82 -2.38
C19 LAB E . -15.47 -1.25 -1.43
C2 LAB E . -13.13 -1.49 -2.32
C1 LAB E . -12.05 -1.27 -3.13
O1 LAB E . -10.94 -1.67 -2.87
#